data_3MQI
#
_entry.id   3MQI
#
_cell.length_a   86.291
_cell.length_b   57.073
_cell.length_c   69.140
_cell.angle_alpha   90.00
_cell.angle_beta   93.17
_cell.angle_gamma   90.00
#
_symmetry.space_group_name_H-M   'C 1 2 1'
#
loop_
_entity.id
_entity.type
_entity.pdbx_description
1 polymer 'Transcription factor COE1'
2 non-polymer 'ETHYL MERCURY ION'
3 non-polymer 'trimethylamine oxide'
4 water water
#
_entity_poly.entity_id   1
_entity_poly.type   'polypeptide(L)'
_entity_poly.pdbx_seq_one_letter_code
;SMEHATPCIKAISPSEGWTTGGATVIIIGDNFFDGLQVIFGTMLVWSELITPHAIRVQTPPRHIPGVVEVTLSYKSKQFC
KGTPGRFIYTALNEPT
;
_entity_poly.pdbx_strand_id   A,B,C
#
# COMPACT_ATOMS: atom_id res chain seq x y z
N HIS A 4 -8.00 12.28 -10.10
CA HIS A 4 -9.27 11.57 -9.73
C HIS A 4 -9.01 10.50 -8.66
N ALA A 5 -10.09 9.93 -8.14
CA ALA A 5 -10.03 8.87 -7.11
C ALA A 5 -10.31 7.51 -7.74
N THR A 6 -10.09 7.40 -9.04
CA THR A 6 -10.30 6.17 -9.80
C THR A 6 -9.04 5.30 -9.70
N PRO A 7 -9.20 4.00 -9.39
CA PRO A 7 -8.08 3.05 -9.32
C PRO A 7 -7.20 3.05 -10.56
N CYS A 8 -5.91 2.86 -10.34
CA CYS A 8 -4.89 3.21 -11.30
C CYS A 8 -3.67 2.34 -11.02
N ILE A 9 -3.12 1.69 -12.03
CA ILE A 9 -1.92 0.86 -11.82
C ILE A 9 -0.66 1.64 -12.19
N LYS A 10 0.28 1.70 -11.24
CA LYS A 10 1.61 2.28 -11.50
C LYS A 10 2.58 1.26 -12.10
N ALA A 11 2.66 0.08 -11.50
CA ALA A 11 3.59 -0.94 -11.93
C ALA A 11 3.23 -2.27 -11.28
N ILE A 12 3.81 -3.35 -11.78
CA ILE A 12 3.64 -4.68 -11.22
C ILE A 12 5.00 -5.37 -11.13
N SER A 13 5.16 -6.24 -10.13
CA SER A 13 6.36 -7.04 -10.01
C SER A 13 6.04 -8.40 -9.41
N PRO A 14 6.53 -9.49 -10.03
CA PRO A 14 7.29 -9.51 -11.30
C PRO A 14 6.40 -9.20 -12.50
N SER A 15 7.00 -8.84 -13.63
CA SER A 15 6.25 -8.52 -14.86
C SER A 15 6.43 -9.62 -15.91
N GLU A 16 6.99 -10.74 -15.47
CA GLU A 16 7.26 -11.93 -16.26
C GLU A 16 6.97 -13.15 -15.39
N GLY A 17 6.61 -14.28 -16.02
CA GLY A 17 6.31 -15.52 -15.30
C GLY A 17 6.10 -16.69 -16.23
N TRP A 18 6.25 -17.91 -15.71
CA TRP A 18 6.04 -19.11 -16.52
C TRP A 18 4.55 -19.33 -16.82
N THR A 19 4.30 -20.05 -17.91
CA THR A 19 2.94 -20.36 -18.36
C THR A 19 2.18 -21.20 -17.35
N THR A 20 2.92 -21.90 -16.50
CA THR A 20 2.32 -22.74 -15.46
C THR A 20 1.61 -21.96 -14.36
N GLY A 21 1.94 -20.66 -14.25
CA GLY A 21 1.26 -19.77 -13.29
C GLY A 21 1.49 -20.06 -11.82
N GLY A 22 0.72 -19.37 -10.97
CA GLY A 22 0.79 -19.52 -9.52
C GLY A 22 1.76 -18.60 -8.80
N ALA A 23 2.57 -17.84 -9.53
CA ALA A 23 3.54 -16.93 -8.90
C ALA A 23 2.83 -15.72 -8.30
N THR A 24 3.34 -15.20 -7.20
CA THR A 24 2.69 -14.04 -6.54
C THR A 24 3.11 -12.73 -7.22
N VAL A 25 2.13 -11.92 -7.60
CA VAL A 25 2.39 -10.66 -8.26
C VAL A 25 1.86 -9.54 -7.39
N ILE A 26 2.68 -8.51 -7.22
CA ILE A 26 2.31 -7.31 -6.52
C ILE A 26 2.07 -6.17 -7.51
N ILE A 27 0.87 -5.60 -7.41
CA ILE A 27 0.39 -4.51 -8.24
C ILE A 27 0.32 -3.30 -7.36
N ILE A 28 1.00 -2.24 -7.76
CA ILE A 28 0.99 -1.02 -6.98
C ILE A 28 0.39 0.13 -7.79
N GLY A 29 -0.24 1.07 -7.08
CA GLY A 29 -0.81 2.25 -7.72
C GLY A 29 -1.66 3.06 -6.77
N ASP A 30 -2.64 3.76 -7.33
CA ASP A 30 -3.42 4.75 -6.59
C ASP A 30 -4.90 4.37 -6.48
N ASN A 31 -5.51 4.78 -5.36
CA ASN A 31 -6.95 4.73 -5.18
C ASN A 31 -7.55 3.33 -5.10
N PHE A 32 -6.74 2.36 -4.65
CA PHE A 32 -7.22 1.00 -4.42
C PHE A 32 -8.17 0.94 -3.21
N PHE A 33 -9.04 -0.07 -3.19
CA PHE A 33 -9.98 -0.32 -2.10
C PHE A 33 -10.32 -1.80 -2.06
N ASP A 34 -10.72 -2.31 -0.89
CA ASP A 34 -11.17 -3.71 -0.78
C ASP A 34 -12.37 -3.94 -1.70
N GLY A 35 -12.34 -5.04 -2.45
CA GLY A 35 -13.42 -5.35 -3.37
C GLY A 35 -13.01 -5.07 -4.80
N LEU A 36 -11.96 -4.26 -4.98
CA LEU A 36 -11.37 -4.04 -6.29
C LEU A 36 -10.97 -5.38 -6.88
N GLN A 37 -11.44 -5.62 -8.10
CA GLN A 37 -11.17 -6.84 -8.84
C GLN A 37 -10.01 -6.61 -9.80
N VAL A 38 -9.17 -7.63 -9.95
CA VAL A 38 -8.02 -7.57 -10.85
C VAL A 38 -8.25 -8.52 -12.02
N ILE A 39 -8.02 -8.02 -13.24
CA ILE A 39 -8.16 -8.84 -14.45
C ILE A 39 -6.81 -9.04 -15.11
N PHE A 40 -6.41 -10.31 -15.19
CA PHE A 40 -5.05 -10.71 -15.49
C PHE A 40 -5.05 -11.64 -16.70
N GLY A 41 -4.65 -11.13 -17.86
CA GLY A 41 -4.78 -11.87 -19.12
C GLY A 41 -6.20 -12.35 -19.34
N THR A 42 -7.16 -11.46 -19.08
CA THR A 42 -8.62 -11.66 -19.26
C THR A 42 -9.30 -12.46 -18.15
N MET A 43 -8.52 -13.09 -17.28
CA MET A 43 -9.09 -13.87 -16.18
C MET A 43 -9.21 -13.02 -14.92
N LEU A 44 -10.35 -13.11 -14.26
CA LEU A 44 -10.51 -12.47 -12.96
C LEU A 44 -9.81 -13.34 -11.93
N VAL A 45 -8.88 -12.75 -11.19
CA VAL A 45 -8.09 -13.47 -10.18
C VAL A 45 -8.44 -13.08 -8.76
N TRP A 46 -8.19 -13.99 -7.83
CA TRP A 46 -8.29 -13.67 -6.40
C TRP A 46 -7.27 -12.59 -6.10
N SER A 47 -7.66 -11.62 -5.29
CA SER A 47 -6.77 -10.54 -4.93
C SER A 47 -7.06 -10.06 -3.51
N GLU A 48 -6.13 -9.29 -2.97
CA GLU A 48 -6.17 -8.85 -1.58
C GLU A 48 -5.27 -7.61 -1.45
N LEU A 49 -5.82 -6.55 -0.88
CA LEU A 49 -5.06 -5.34 -0.63
C LEU A 49 -4.02 -5.58 0.47
N ILE A 50 -2.78 -5.30 0.15
CA ILE A 50 -1.69 -5.31 1.11
C ILE A 50 -1.74 -4.00 1.89
N THR A 51 -1.89 -2.90 1.14
CA THR A 51 -2.10 -1.56 1.67
C THR A 51 -3.08 -0.93 0.67
N PRO A 52 -3.49 0.33 0.91
CA PRO A 52 -4.31 1.03 -0.09
C PRO A 52 -3.54 1.41 -1.36
N HIS A 53 -2.28 1.00 -1.46
CA HIS A 53 -1.46 1.24 -2.67
C HIS A 53 -0.86 -0.05 -3.27
N ALA A 54 -1.17 -1.21 -2.69
CA ALA A 54 -0.61 -2.48 -3.16
C ALA A 54 -1.61 -3.63 -3.07
N ILE A 55 -1.62 -4.45 -4.11
CA ILE A 55 -2.51 -5.61 -4.23
C ILE A 55 -1.66 -6.84 -4.52
N ARG A 56 -1.98 -7.95 -3.86
CA ARG A 56 -1.34 -9.21 -4.20
C ARG A 56 -2.31 -10.11 -4.97
N VAL A 57 -1.81 -10.73 -6.02
CA VAL A 57 -2.57 -11.70 -6.82
C VAL A 57 -1.66 -12.87 -7.13
N GLN A 58 -2.22 -14.03 -7.47
CA GLN A 58 -1.44 -15.11 -8.08
C GLN A 58 -1.69 -15.13 -9.57
N THR A 59 -0.62 -15.31 -10.36
CA THR A 59 -0.77 -15.43 -11.80
C THR A 59 -1.57 -16.67 -12.17
N PRO A 60 -2.59 -16.51 -13.03
CA PRO A 60 -3.25 -17.71 -13.53
C PRO A 60 -2.34 -18.49 -14.49
N PRO A 61 -2.61 -19.81 -14.67
CA PRO A 61 -1.96 -20.55 -15.77
C PRO A 61 -2.37 -19.95 -17.11
N ARG A 62 -1.48 -20.01 -18.08
CA ARG A 62 -1.82 -19.61 -19.44
C ARG A 62 -1.27 -20.58 -20.47
N HIS A 63 -2.20 -21.25 -21.13
CA HIS A 63 -2.01 -22.05 -22.33
C HIS A 63 -0.85 -21.64 -23.26
N ILE A 64 -0.76 -20.34 -23.57
CA ILE A 64 0.13 -19.82 -24.62
C ILE A 64 1.00 -18.67 -24.11
N PRO A 65 2.32 -18.69 -24.43
CA PRO A 65 3.23 -17.60 -24.08
C PRO A 65 2.86 -16.25 -24.71
N GLY A 66 3.34 -15.15 -24.11
CA GLY A 66 3.15 -13.80 -24.67
C GLY A 66 2.68 -12.74 -23.68
N VAL A 67 2.66 -11.50 -24.14
CA VAL A 67 2.25 -10.35 -23.32
C VAL A 67 0.75 -10.33 -23.08
N VAL A 68 0.36 -10.07 -21.83
CA VAL A 68 -1.04 -9.83 -21.46
C VAL A 68 -1.17 -8.50 -20.73
N GLU A 69 -2.40 -8.02 -20.59
CA GLU A 69 -2.68 -6.83 -19.79
C GLU A 69 -3.21 -7.19 -18.41
N VAL A 70 -2.89 -6.34 -17.43
CA VAL A 70 -3.44 -6.46 -16.10
C VAL A 70 -4.24 -5.21 -15.89
N THR A 71 -5.54 -5.37 -15.62
CA THR A 71 -6.42 -4.23 -15.44
C THR A 71 -7.27 -4.36 -14.20
N LEU A 72 -8.04 -3.31 -13.92
CA LEU A 72 -8.84 -3.24 -12.69
C LEU A 72 -10.30 -3.04 -13.01
N SER A 73 -11.14 -3.59 -12.15
CA SER A 73 -12.57 -3.61 -12.35
C SER A 73 -13.28 -3.63 -11.00
N TYR A 74 -14.55 -3.25 -11.00
CA TYR A 74 -15.38 -3.30 -9.80
C TYR A 74 -16.85 -3.40 -10.21
N LYS A 75 -17.55 -4.34 -9.59
CA LYS A 75 -18.94 -4.63 -9.92
C LYS A 75 -19.13 -4.83 -11.41
N SER A 76 -18.25 -5.64 -12.01
CA SER A 76 -18.31 -6.04 -13.43
C SER A 76 -18.20 -4.87 -14.41
N LYS A 77 -17.51 -3.81 -13.97
CA LYS A 77 -17.34 -2.58 -14.75
C LYS A 77 -15.87 -2.18 -14.65
N GLN A 78 -15.19 -2.15 -15.79
CA GLN A 78 -13.77 -1.86 -15.77
C GLN A 78 -13.44 -0.38 -15.70
N PHE A 79 -12.27 -0.09 -15.15
CA PHE A 79 -11.73 1.24 -15.08
C PHE A 79 -10.74 1.40 -16.22
N CYS A 80 -10.63 2.61 -16.75
CA CYS A 80 -9.75 2.90 -17.89
C CYS A 80 -8.73 4.01 -17.63
N LYS A 81 -8.50 4.34 -16.36
CA LYS A 81 -7.54 5.39 -16.01
C LYS A 81 -6.11 4.88 -16.12
N GLY A 82 -5.29 5.60 -16.87
CA GLY A 82 -3.87 5.27 -16.97
C GLY A 82 -3.56 4.10 -17.88
N THR A 83 -2.43 3.46 -17.60
CA THR A 83 -1.85 2.42 -18.44
C THR A 83 -2.03 1.05 -17.76
N PRO A 84 -2.45 0.04 -18.53
CA PRO A 84 -2.57 -1.31 -17.97
C PRO A 84 -1.21 -1.86 -17.58
N GLY A 85 -1.19 -2.66 -16.52
CA GLY A 85 -0.02 -3.46 -16.20
C GLY A 85 0.26 -4.37 -17.38
N ARG A 86 1.54 -4.64 -17.63
CA ARG A 86 1.94 -5.55 -18.70
C ARG A 86 2.75 -6.73 -18.14
N PHE A 87 2.32 -7.93 -18.46
CA PHE A 87 2.90 -9.16 -17.91
C PHE A 87 3.22 -10.14 -19.05
N ILE A 88 4.48 -10.55 -19.13
CA ILE A 88 4.92 -11.46 -20.19
C ILE A 88 4.95 -12.89 -19.66
N TYR A 89 4.06 -13.73 -20.18
CA TYR A 89 4.17 -15.16 -19.95
C TYR A 89 5.27 -15.72 -20.84
N THR A 90 6.03 -16.67 -20.31
CA THR A 90 7.04 -17.39 -21.07
C THR A 90 6.82 -18.89 -20.83
N ALA A 91 7.17 -19.69 -21.83
CA ALA A 91 7.11 -21.14 -21.70
C ALA A 91 8.52 -21.65 -21.46
N LEU A 92 8.63 -22.60 -20.54
CA LEU A 92 9.89 -23.32 -20.32
C LEU A 92 10.16 -24.18 -21.55
N ASN A 93 9.11 -24.91 -21.94
CA ASN A 93 9.08 -25.79 -23.11
C ASN A 93 9.37 -25.04 -24.40
N HIS B 4 23.16 -9.36 -11.95
CA HIS B 4 23.01 -10.84 -11.70
C HIS B 4 22.71 -11.11 -10.22
N ALA B 5 21.43 -11.42 -9.94
CA ALA B 5 20.95 -11.72 -8.58
C ALA B 5 21.04 -10.57 -7.57
N THR B 6 21.29 -9.36 -8.05
CA THR B 6 21.42 -8.20 -7.17
C THR B 6 20.07 -7.49 -6.94
N PRO B 7 19.73 -7.22 -5.66
CA PRO B 7 18.52 -6.50 -5.35
C PRO B 7 18.47 -5.16 -6.06
N CYS B 8 17.34 -4.86 -6.68
CA CYS B 8 17.14 -3.57 -7.31
C CYS B 8 15.69 -3.12 -7.26
N ILE B 9 15.51 -1.80 -7.20
CA ILE B 9 14.22 -1.16 -7.08
C ILE B 9 13.64 -0.85 -8.45
N LYS B 10 12.42 -1.31 -8.68
CA LYS B 10 11.66 -0.95 -9.87
C LYS B 10 10.76 0.25 -9.55
N ALA B 11 10.06 0.20 -8.42
CA ALA B 11 9.15 1.29 -8.04
C ALA B 11 8.84 1.33 -6.55
N ILE B 12 8.19 2.40 -6.11
CA ILE B 12 7.86 2.63 -4.71
C ILE B 12 6.43 3.19 -4.62
N SER B 13 5.63 2.65 -3.71
CA SER B 13 4.25 3.04 -3.60
C SER B 13 3.75 3.07 -2.16
N PRO B 14 3.35 4.26 -1.67
CA PRO B 14 3.39 5.55 -2.39
C PRO B 14 4.79 6.16 -2.42
N SER B 15 5.01 7.07 -3.37
CA SER B 15 6.32 7.68 -3.59
C SER B 15 6.47 9.04 -2.90
N GLU B 16 5.50 9.38 -2.04
CA GLU B 16 5.50 10.64 -1.30
C GLU B 16 4.99 10.41 0.13
N GLY B 17 5.55 11.13 1.10
CA GLY B 17 5.13 10.98 2.48
C GLY B 17 5.40 12.20 3.33
N TRP B 18 4.78 12.27 4.50
CA TRP B 18 5.06 13.33 5.46
C TRP B 18 6.44 13.18 6.12
N THR B 19 7.09 14.33 6.36
CA THR B 19 8.38 14.41 7.03
C THR B 19 8.40 13.70 8.38
N THR B 20 7.23 13.50 8.97
CA THR B 20 7.09 12.82 10.27
C THR B 20 7.24 11.28 10.19
N GLY B 21 7.24 10.74 8.96
CA GLY B 21 7.55 9.33 8.74
C GLY B 21 6.48 8.39 9.29
N GLY B 22 6.79 7.10 9.31
CA GLY B 22 5.89 6.10 9.87
C GLY B 22 4.92 5.50 8.87
N ALA B 23 4.90 6.04 7.65
CA ALA B 23 4.02 5.55 6.59
C ALA B 23 4.47 4.19 6.07
N THR B 24 3.52 3.30 5.82
CA THR B 24 3.81 2.01 5.19
C THR B 24 4.08 2.27 3.71
N VAL B 25 5.19 1.74 3.22
CA VAL B 25 5.53 1.85 1.83
C VAL B 25 5.87 0.47 1.28
N ILE B 26 5.37 0.20 0.07
CA ILE B 26 5.70 -1.01 -0.65
C ILE B 26 6.70 -0.69 -1.75
N ILE B 27 7.80 -1.44 -1.78
CA ILE B 27 8.83 -1.29 -2.78
C ILE B 27 8.87 -2.56 -3.61
N ILE B 28 8.78 -2.40 -4.91
CA ILE B 28 8.81 -3.54 -5.78
C ILE B 28 10.10 -3.53 -6.59
N GLY B 29 10.51 -4.71 -7.02
CA GLY B 29 11.75 -4.84 -7.74
C GLY B 29 12.05 -6.30 -7.96
N ASP B 30 13.33 -6.63 -7.88
CA ASP B 30 13.82 -7.96 -8.12
C ASP B 30 14.88 -8.34 -7.11
N ASN B 31 14.92 -9.63 -6.78
CA ASN B 31 16.02 -10.23 -6.04
C ASN B 31 16.04 -9.84 -4.56
N PHE B 32 14.87 -9.51 -4.02
CA PHE B 32 14.72 -9.18 -2.60
C PHE B 32 14.76 -10.44 -1.73
N PHE B 33 15.13 -10.28 -0.44
CA PHE B 33 15.28 -11.40 0.51
C PHE B 33 15.19 -10.94 1.97
N ASP B 34 15.07 -11.90 2.89
CA ASP B 34 15.07 -11.60 4.33
C ASP B 34 16.31 -10.82 4.76
N GLY B 35 16.12 -9.85 5.65
CA GLY B 35 17.21 -9.08 6.23
C GLY B 35 17.69 -7.92 5.38
N LEU B 36 17.10 -7.75 4.20
CA LEU B 36 17.46 -6.64 3.34
C LEU B 36 16.95 -5.34 3.94
N GLN B 37 17.80 -4.31 3.89
CA GLN B 37 17.47 -3.02 4.46
C GLN B 37 17.36 -1.97 3.38
N VAL B 38 16.74 -0.85 3.74
CA VAL B 38 16.44 0.19 2.78
C VAL B 38 16.96 1.51 3.33
N ILE B 39 17.55 2.32 2.46
CA ILE B 39 18.05 3.63 2.84
C ILE B 39 17.22 4.71 2.19
N PHE B 40 16.57 5.53 3.03
CA PHE B 40 15.83 6.71 2.58
C PHE B 40 16.72 7.95 2.67
N GLY B 41 17.36 8.30 1.56
CA GLY B 41 18.38 9.36 1.56
C GLY B 41 19.60 8.94 2.38
N THR B 42 19.52 9.12 3.70
CA THR B 42 20.62 8.80 4.61
C THR B 42 20.17 7.91 5.79
N MET B 43 18.85 7.69 5.91
CA MET B 43 18.23 6.95 7.02
C MET B 43 17.96 5.50 6.62
N LEU B 44 18.53 4.58 7.37
CA LEU B 44 18.36 3.16 7.12
C LEU B 44 17.21 2.59 7.97
N VAL B 45 16.32 1.85 7.33
CA VAL B 45 15.25 1.14 8.03
C VAL B 45 15.26 -0.34 7.66
N TRP B 46 14.63 -1.16 8.51
CA TRP B 46 14.40 -2.57 8.19
C TRP B 46 13.29 -2.72 7.17
N SER B 47 13.25 -3.88 6.51
CA SER B 47 12.15 -4.24 5.64
C SER B 47 11.56 -5.60 6.02
N GLU B 48 10.36 -5.85 5.52
CA GLU B 48 9.67 -7.11 5.71
C GLU B 48 9.39 -7.63 4.32
N LEU B 49 9.89 -8.82 4.03
CA LEU B 49 9.79 -9.44 2.71
C LEU B 49 8.37 -9.94 2.43
N ILE B 50 7.87 -9.66 1.23
CA ILE B 50 6.55 -10.15 0.79
C ILE B 50 6.72 -11.25 -0.25
N THR B 51 7.55 -10.97 -1.25
CA THR B 51 7.90 -11.92 -2.29
C THR B 51 9.30 -11.49 -2.70
N PRO B 52 10.00 -12.28 -3.54
CA PRO B 52 11.31 -11.83 -4.02
C PRO B 52 11.22 -10.53 -4.84
N HIS B 53 10.01 -10.04 -5.04
CA HIS B 53 9.77 -8.87 -5.88
C HIS B 53 9.13 -7.69 -5.15
N ALA B 54 8.73 -7.90 -3.89
CA ALA B 54 8.23 -6.79 -3.05
C ALA B 54 8.64 -6.85 -1.58
N ILE B 55 8.99 -5.68 -1.04
CA ILE B 55 9.23 -5.54 0.40
C ILE B 55 8.34 -4.42 0.97
N ARG B 56 8.24 -4.40 2.30
CA ARG B 56 7.43 -3.45 3.04
C ARG B 56 8.32 -2.75 4.06
N VAL B 57 8.29 -1.42 4.07
CA VAL B 57 9.01 -0.61 5.08
C VAL B 57 8.11 0.46 5.70
N GLN B 58 8.53 0.96 6.86
CA GLN B 58 7.94 2.15 7.45
C GLN B 58 8.93 3.28 7.18
N THR B 59 8.43 4.38 6.62
CA THR B 59 9.29 5.52 6.31
C THR B 59 9.90 6.10 7.59
N PRO B 60 11.20 6.44 7.55
CA PRO B 60 11.79 7.12 8.68
C PRO B 60 11.43 8.61 8.62
N PRO B 61 11.48 9.32 9.76
CA PRO B 61 11.22 10.75 9.71
C PRO B 61 12.38 11.45 9.03
N ARG B 62 12.11 12.61 8.44
CA ARG B 62 13.17 13.45 7.92
C ARG B 62 12.95 14.87 8.42
N HIS B 63 14.03 15.46 8.92
CA HIS B 63 13.95 16.76 9.53
C HIS B 63 13.50 17.81 8.50
N ILE B 64 13.96 17.68 7.26
CA ILE B 64 13.67 18.66 6.21
C ILE B 64 12.96 18.01 5.02
N PRO B 65 11.94 18.68 4.44
CA PRO B 65 11.29 18.15 3.24
C PRO B 65 12.22 18.10 2.03
N GLY B 66 11.80 17.40 0.98
CA GLY B 66 12.58 17.30 -0.26
C GLY B 66 12.69 15.88 -0.80
N VAL B 67 13.27 15.77 -1.99
CA VAL B 67 13.48 14.50 -2.68
C VAL B 67 14.66 13.74 -2.09
N VAL B 68 14.48 12.43 -1.88
CA VAL B 68 15.62 11.57 -1.50
C VAL B 68 15.80 10.42 -2.48
N GLU B 69 17.04 9.98 -2.64
CA GLU B 69 17.33 8.74 -3.33
C GLU B 69 17.12 7.58 -2.37
N VAL B 70 16.51 6.52 -2.88
CA VAL B 70 16.23 5.34 -2.08
C VAL B 70 17.08 4.18 -2.60
N THR B 71 17.86 3.60 -1.71
CA THR B 71 18.78 2.53 -2.07
C THR B 71 18.66 1.37 -1.09
N LEU B 72 19.23 0.23 -1.46
CA LEU B 72 19.17 -0.97 -0.64
C LEU B 72 20.50 -1.25 0.04
N SER B 73 20.44 -2.07 1.09
CA SER B 73 21.62 -2.38 1.89
C SER B 73 21.42 -3.70 2.62
N TYR B 74 22.54 -4.40 2.83
CA TYR B 74 22.57 -5.65 3.57
C TYR B 74 23.95 -5.78 4.22
N LYS B 75 23.96 -6.21 5.48
CA LYS B 75 25.19 -6.37 6.27
C LYS B 75 26.11 -5.15 6.17
N SER B 76 25.50 -3.97 6.31
CA SER B 76 26.21 -2.69 6.30
C SER B 76 26.86 -2.36 4.97
N LYS B 77 26.37 -3.01 3.90
CA LYS B 77 26.95 -2.83 2.60
C LYS B 77 25.87 -2.51 1.56
N GLN B 78 25.88 -1.25 1.12
CA GLN B 78 24.96 -0.71 0.15
C GLN B 78 25.12 -1.32 -1.24
N PHE B 79 23.99 -1.66 -1.86
CA PHE B 79 23.95 -2.09 -3.27
C PHE B 79 23.68 -0.89 -4.12
N CYS B 80 24.11 -0.94 -5.38
CA CYS B 80 23.68 0.07 -6.33
C CYS B 80 23.74 -0.48 -7.76
N LYS B 81 22.57 -0.89 -8.23
CA LYS B 81 22.37 -1.47 -9.55
C LYS B 81 21.23 -0.73 -10.26
N GLY B 82 21.58 0.03 -11.29
CA GLY B 82 20.60 0.75 -12.09
C GLY B 82 20.23 2.10 -11.48
N THR B 83 18.95 2.46 -11.64
CA THR B 83 18.40 3.74 -11.21
C THR B 83 17.79 3.64 -9.79
N PRO B 84 18.32 4.43 -8.82
CA PRO B 84 17.79 4.40 -7.45
C PRO B 84 16.34 4.86 -7.37
N GLY B 85 15.69 4.58 -6.25
CA GLY B 85 14.30 4.98 -6.06
C GLY B 85 14.19 6.44 -5.70
N ARG B 86 13.02 7.02 -5.92
CA ARG B 86 12.78 8.41 -5.54
C ARG B 86 11.60 8.49 -4.59
N PHE B 87 11.82 9.12 -3.44
CA PHE B 87 10.77 9.36 -2.47
C PHE B 87 10.84 10.82 -2.07
N ILE B 88 9.67 11.45 -1.98
CA ILE B 88 9.59 12.87 -1.71
C ILE B 88 8.96 13.08 -0.35
N TYR B 89 9.69 13.72 0.55
CA TYR B 89 9.10 14.13 1.81
C TYR B 89 8.41 15.48 1.65
N THR B 90 7.27 15.61 2.31
CA THR B 90 6.47 16.84 2.31
C THR B 90 6.19 17.21 3.75
N ALA B 91 6.15 18.50 4.03
CA ALA B 91 5.83 18.96 5.36
C ALA B 91 4.36 19.34 5.43
N LEU B 92 3.73 18.98 6.55
CA LEU B 92 2.37 19.43 6.85
C LEU B 92 2.31 20.96 6.97
N ASN B 93 3.37 21.55 7.52
CA ASN B 93 3.49 23.00 7.69
C ASN B 93 3.97 23.73 6.44
N HIS C 4 5.12 19.48 16.31
CA HIS C 4 4.12 18.38 16.13
C HIS C 4 2.67 18.91 16.14
N ALA C 5 2.23 19.36 14.97
CA ALA C 5 0.80 19.58 14.71
C ALA C 5 0.30 18.32 14.00
N THR C 6 0.94 17.20 14.30
CA THR C 6 0.66 15.91 13.68
C THR C 6 -0.54 15.24 14.34
N PRO C 7 -1.58 14.92 13.55
CA PRO C 7 -2.79 14.28 14.05
C PRO C 7 -2.49 12.89 14.56
N CYS C 8 -3.15 12.50 15.64
CA CYS C 8 -2.97 11.16 16.19
C CYS C 8 -4.16 10.72 17.02
N ILE C 9 -4.37 9.42 17.03
CA ILE C 9 -5.51 8.83 17.71
C ILE C 9 -5.17 8.60 19.17
N LYS C 10 -6.02 9.14 20.04
CA LYS C 10 -6.02 8.80 21.44
C LYS C 10 -6.88 7.55 21.68
N ALA C 11 -8.12 7.56 21.17
CA ALA C 11 -9.02 6.40 21.32
C ALA C 11 -10.16 6.38 20.30
N ILE C 12 -10.85 5.24 20.22
CA ILE C 12 -11.98 5.07 19.30
C ILE C 12 -13.14 4.37 20.01
N SER C 13 -14.38 4.76 19.68
CA SER C 13 -15.55 4.10 20.22
C SER C 13 -16.70 4.15 19.23
N PRO C 14 -17.31 2.99 18.91
CA PRO C 14 -16.94 1.70 19.49
C PRO C 14 -15.62 1.15 18.92
N SER C 15 -15.19 0.02 19.46
CA SER C 15 -13.89 -0.56 19.18
C SER C 15 -14.05 -1.84 18.39
N GLU C 16 -15.32 -2.22 18.19
CA GLU C 16 -15.71 -3.46 17.54
C GLU C 16 -16.93 -3.20 16.69
N GLY C 17 -17.09 -4.01 15.65
CA GLY C 17 -18.21 -3.85 14.75
C GLY C 17 -18.39 -5.05 13.86
N TRP C 18 -19.52 -5.08 13.16
CA TRP C 18 -19.85 -6.15 12.24
C TRP C 18 -19.09 -5.98 10.93
N THR C 19 -18.76 -7.11 10.30
CA THR C 19 -18.09 -7.14 9.01
C THR C 19 -18.84 -6.41 7.89
N THR C 20 -20.15 -6.19 8.08
CA THR C 20 -20.97 -5.53 7.07
C THR C 20 -20.79 -4.01 7.07
N GLY C 21 -20.23 -3.51 8.15
CA GLY C 21 -19.81 -2.11 8.25
C GLY C 21 -20.93 -1.10 8.38
N GLY C 22 -20.53 0.17 8.28
CA GLY C 22 -21.47 1.28 8.29
C GLY C 22 -21.90 1.69 9.69
N ALA C 23 -21.13 1.28 10.70
CA ALA C 23 -21.34 1.75 12.05
C ALA C 23 -20.69 3.12 12.27
N THR C 24 -21.38 3.99 13.00
CA THR C 24 -20.80 5.26 13.40
C THR C 24 -19.75 5.05 14.49
N VAL C 25 -18.56 5.56 14.23
CA VAL C 25 -17.45 5.44 15.14
C VAL C 25 -16.89 6.81 15.42
N ILE C 26 -16.57 7.07 16.69
CA ILE C 26 -15.99 8.32 17.08
C ILE C 26 -14.55 8.11 17.45
N ILE C 27 -13.69 8.90 16.83
CA ILE C 27 -12.26 8.83 17.03
C ILE C 27 -11.86 10.12 17.68
N ILE C 28 -11.31 10.04 18.89
CA ILE C 28 -10.79 11.24 19.53
C ILE C 28 -9.27 11.24 19.51
N GLY C 29 -8.68 12.42 19.66
CA GLY C 29 -7.23 12.55 19.60
C GLY C 29 -6.85 14.00 19.52
N ASP C 30 -5.75 14.29 18.84
CA ASP C 30 -5.21 15.66 18.80
C ASP C 30 -4.87 16.13 17.39
N ASN C 31 -5.05 17.43 17.17
CA ASN C 31 -4.65 18.12 15.94
C ASN C 31 -5.42 17.69 14.70
N PHE C 32 -6.72 17.50 14.85
CA PHE C 32 -7.58 17.12 13.74
C PHE C 32 -8.00 18.35 12.92
N PHE C 33 -8.22 18.14 11.62
CA PHE C 33 -8.69 19.20 10.71
C PHE C 33 -9.59 18.59 9.66
N ASP C 34 -10.28 19.42 8.88
CA ASP C 34 -11.13 18.91 7.79
C ASP C 34 -10.30 18.33 6.66
N GLY C 35 -10.80 17.22 6.11
CA GLY C 35 -10.15 16.54 4.99
C GLY C 35 -9.34 15.34 5.46
N LEU C 36 -9.22 15.20 6.78
CA LEU C 36 -8.52 14.06 7.38
C LEU C 36 -9.28 12.80 7.01
N GLN C 37 -8.55 11.75 6.62
CA GLN C 37 -9.16 10.46 6.30
C GLN C 37 -8.67 9.43 7.28
N VAL C 38 -9.37 8.30 7.34
CA VAL C 38 -9.08 7.25 8.28
C VAL C 38 -8.94 5.94 7.53
N ILE C 39 -7.89 5.19 7.85
CA ILE C 39 -7.67 3.90 7.24
C ILE C 39 -8.00 2.82 8.27
N PHE C 40 -8.96 1.96 7.92
CA PHE C 40 -9.29 0.76 8.67
C PHE C 40 -8.65 -0.41 7.95
N GLY C 41 -7.54 -0.92 8.49
CA GLY C 41 -6.80 -2.00 7.84
C GLY C 41 -6.19 -1.55 6.54
N THR C 42 -6.85 -1.85 5.43
CA THR C 42 -6.42 -1.39 4.12
C THR C 42 -7.44 -0.46 3.49
N MET C 43 -8.53 -0.20 4.20
CA MET C 43 -9.68 0.49 3.64
C MET C 43 -9.82 1.91 4.16
N LEU C 44 -9.75 2.86 3.23
CA LEU C 44 -9.83 4.27 3.57
C LEU C 44 -11.28 4.76 3.59
N VAL C 45 -11.62 5.55 4.60
CA VAL C 45 -12.93 6.24 4.66
C VAL C 45 -12.78 7.73 4.94
N TRP C 46 -13.80 8.49 4.57
CA TRP C 46 -13.81 9.91 4.86
C TRP C 46 -14.26 10.16 6.30
N SER C 47 -13.95 11.35 6.82
CA SER C 47 -14.35 11.69 8.17
C SER C 47 -15.07 13.03 8.21
N GLU C 48 -15.86 13.22 9.26
CA GLU C 48 -16.49 14.50 9.55
C GLU C 48 -15.93 14.99 10.89
N LEU C 49 -15.32 16.17 10.88
CA LEU C 49 -14.80 16.78 12.10
C LEU C 49 -15.98 17.17 12.98
N ILE C 50 -15.89 16.89 14.28
CA ILE C 50 -16.87 17.34 15.27
C ILE C 50 -16.27 18.47 16.09
N THR C 51 -15.02 18.27 16.50
CA THR C 51 -14.22 19.31 17.13
C THR C 51 -12.78 19.13 16.64
N PRO C 52 -11.88 20.08 16.96
CA PRO C 52 -10.46 19.86 16.65
C PRO C 52 -9.85 18.66 17.36
N HIS C 53 -10.62 18.03 18.26
CA HIS C 53 -10.14 16.86 18.99
C HIS C 53 -10.98 15.60 18.76
N ALA C 54 -11.95 15.66 17.86
CA ALA C 54 -12.86 14.52 17.64
C ALA C 54 -13.38 14.44 16.23
N ILE C 55 -13.30 13.25 15.64
CA ILE C 55 -13.88 13.00 14.31
C ILE C 55 -14.88 11.85 14.30
N ARG C 56 -15.74 11.85 13.27
CA ARG C 56 -16.80 10.87 13.11
C ARG C 56 -16.59 10.10 11.80
N VAL C 57 -16.68 8.78 11.88
CA VAL C 57 -16.59 7.94 10.69
C VAL C 57 -17.67 6.86 10.63
N GLN C 58 -17.96 6.38 9.42
CA GLN C 58 -18.74 5.17 9.23
C GLN C 58 -17.77 4.07 8.88
N THR C 59 -17.80 2.97 9.63
CA THR C 59 -16.88 1.86 9.38
C THR C 59 -17.09 1.27 7.98
N PRO C 60 -16.00 0.95 7.27
CA PRO C 60 -16.16 0.24 6.01
C PRO C 60 -16.45 -1.26 6.23
N PRO C 61 -17.11 -1.92 5.26
CA PRO C 61 -17.24 -3.37 5.34
C PRO C 61 -15.89 -4.05 5.24
N ARG C 62 -15.76 -5.22 5.85
CA ARG C 62 -14.58 -6.04 5.66
C ARG C 62 -15.00 -7.46 5.32
N HIS C 63 -14.43 -7.98 4.23
CA HIS C 63 -14.70 -9.34 3.74
C HIS C 63 -14.68 -10.40 4.85
N ILE C 64 -13.63 -10.37 5.67
CA ILE C 64 -13.37 -11.39 6.68
C ILE C 64 -13.15 -10.75 8.07
N PRO C 65 -13.63 -11.40 9.16
CA PRO C 65 -13.44 -10.86 10.50
C PRO C 65 -11.97 -10.79 10.93
N GLY C 66 -11.72 -10.19 12.08
CA GLY C 66 -10.37 -10.07 12.61
C GLY C 66 -10.05 -8.65 12.99
N VAL C 67 -8.92 -8.47 13.68
CA VAL C 67 -8.45 -7.17 14.12
C VAL C 67 -7.82 -6.42 12.94
N VAL C 68 -8.10 -5.12 12.85
CA VAL C 68 -7.39 -4.23 11.93
C VAL C 68 -6.76 -3.05 12.66
N GLU C 69 -5.70 -2.51 12.06
CA GLU C 69 -5.07 -1.28 12.55
C GLU C 69 -5.80 -0.07 11.96
N VAL C 70 -6.00 0.94 12.79
CA VAL C 70 -6.69 2.16 12.40
C VAL C 70 -5.71 3.34 12.45
N THR C 71 -5.54 4.02 11.31
CA THR C 71 -4.58 5.12 11.20
C THR C 71 -5.13 6.30 10.42
N LEU C 72 -4.45 7.43 10.53
CA LEU C 72 -4.87 8.66 9.88
C LEU C 72 -4.10 8.92 8.59
N SER C 73 -4.72 9.68 7.67
CA SER C 73 -4.15 9.96 6.38
C SER C 73 -4.69 11.29 5.85
N TYR C 74 -3.87 11.99 5.06
CA TYR C 74 -4.27 13.25 4.44
C TYR C 74 -3.49 13.42 3.15
N LYS C 75 -4.17 13.85 2.08
CA LYS C 75 -3.61 14.01 0.74
C LYS C 75 -2.79 12.80 0.30
N SER C 76 -3.38 11.61 0.47
CA SER C 76 -2.78 10.32 0.07
C SER C 76 -1.55 9.95 0.87
N LYS C 77 -1.39 10.56 2.04
CA LYS C 77 -0.17 10.39 2.83
C LYS C 77 -0.47 10.06 4.28
N GLN C 78 -0.07 8.86 4.69
CA GLN C 78 -0.34 8.34 6.02
C GLN C 78 0.50 9.06 7.09
N PHE C 79 -0.12 9.32 8.25
CA PHE C 79 0.60 9.75 9.45
C PHE C 79 0.93 8.55 10.35
N CYS C 80 2.01 8.62 11.10
CA CYS C 80 2.27 7.64 12.17
C CYS C 80 2.90 8.34 13.38
N LYS C 81 2.07 8.58 14.40
CA LYS C 81 2.46 9.25 15.64
C LYS C 81 1.57 8.73 16.77
N GLY C 82 2.18 8.35 17.89
CA GLY C 82 1.45 7.78 19.03
C GLY C 82 1.03 6.34 18.82
N THR C 83 -0.02 5.93 19.53
CA THR C 83 -0.53 4.56 19.41
C THR C 83 -1.45 4.40 18.19
N PRO C 84 -1.22 3.36 17.37
CA PRO C 84 -2.18 3.05 16.30
C PRO C 84 -3.43 2.38 16.86
N GLY C 85 -4.60 2.89 16.47
CA GLY C 85 -5.89 2.33 16.88
C GLY C 85 -6.08 0.89 16.44
N ARG C 86 -7.03 0.22 17.08
CA ARG C 86 -7.32 -1.18 16.79
C ARG C 86 -8.83 -1.40 16.76
N PHE C 87 -9.32 -1.90 15.63
CA PHE C 87 -10.72 -2.16 15.47
C PHE C 87 -10.95 -3.64 15.15
N ILE C 88 -11.86 -4.26 15.89
CA ILE C 88 -12.13 -5.68 15.74
C ILE C 88 -13.42 -5.85 14.97
N TYR C 89 -13.30 -6.49 13.82
CA TYR C 89 -14.46 -6.90 13.05
C TYR C 89 -14.91 -8.28 13.54
N THR C 90 -16.22 -8.43 13.67
CA THR C 90 -16.87 -9.67 14.07
C THR C 90 -17.92 -9.95 13.01
N ALA C 91 -18.16 -11.23 12.71
CA ALA C 91 -19.14 -11.58 11.70
C ALA C 91 -20.47 -11.99 12.32
N LEU C 92 -21.56 -11.63 11.64
CA LEU C 92 -22.89 -12.12 12.01
C LEU C 92 -23.14 -13.48 11.36
#